data_6HGK
#
_entry.id   6HGK
#
_cell.length_a   69.426
_cell.length_b   77.701
_cell.length_c   79.151
_cell.angle_alpha   90.00
_cell.angle_beta   90.00
_cell.angle_gamma   90.00
#
_symmetry.space_group_name_H-M   'P 21 21 21'
#
loop_
_entity.id
_entity.type
_entity.pdbx_description
1 polymer Alpha-1-antichymotrypsin
2 polymer Alpha-1-antichymotrypsin
3 non-polymer PROGESTERONE
4 non-polymer 1,2-ETHANEDIOL
5 water water
#
loop_
_entity_poly.entity_id
_entity_poly.type
_entity_poly.pdbx_seq_one_letter_code
_entity_poly.pdbx_strand_id
1 'polypeptide(L)'
;MKHHHHHHMKQNSPLDEENLTQENQDRGTHVDRGLASANVDFAFSLYKQLVLKAPDKNVIFSPVSISTALAFLSLGAHNT
TLTEILKGLKFNLTETSEAEIHQSFQHLLRTLNQSSDELQLSMGNAMFVKEQLSLLDRFTEDAKRLYGSEAFATDFQDSA
AAKKLINDYVKNGTRGKITDLIKDLDSQTMMVLVNYIFFKAKWEMPFDPQDTHQSRFYLSKKKWVMVPMMSLHHLTIPYF
RDEELSCTVVQLNYTGNASVFFILPDQDKMEEVEAMLSRETLARWGDSLEFREIGELYLPKFSISRDYNLNDILLQLGIE
EAFTSKADLSGITGARNLAVSQVVHKAVLDVFEEGTEASAATAVKITLL
;
A
2 'polypeptide(L)' SALVETRTIVRFNRPFLMIIVDHFTWSIFFMSKVTNPKQA B
#
# COMPACT_ATOMS: atom_id res chain seq x y z
N VAL A 31 6.27 5.48 -13.80
N VAL A 31 7.64 10.22 -18.17
CA VAL A 31 6.22 5.92 -15.18
CA VAL A 31 6.84 9.39 -19.05
C VAL A 31 6.16 4.70 -16.09
C VAL A 31 7.42 7.98 -19.08
N ASP A 32 6.83 3.64 -15.65
N ASP A 32 6.88 7.09 -18.25
CA ASP A 32 6.94 2.41 -16.43
CA ASP A 32 7.37 5.73 -18.16
C ASP A 32 5.58 1.75 -16.60
C ASP A 32 6.25 4.75 -17.83
N ARG A 33 5.21 1.47 -17.86
N ARG A 33 5.89 4.68 -16.55
CA ARG A 33 3.91 0.84 -18.12
CA ARG A 33 4.83 3.78 -16.10
C ARG A 33 3.89 -0.59 -17.60
C ARG A 33 5.12 2.34 -16.47
N GLY A 34 4.97 -1.35 -17.83
N GLY A 34 6.35 1.89 -16.21
CA GLY A 34 5.04 -2.70 -17.31
CA GLY A 34 6.74 0.53 -16.52
C GLY A 34 5.09 -2.76 -15.80
C GLY A 34 6.22 -0.51 -15.55
N LEU A 35 5.73 -1.77 -15.16
N LEU A 35 6.35 -0.23 -14.25
CA LEU A 35 5.73 -1.73 -13.70
CA LEU A 35 5.92 -1.17 -13.21
C LEU A 35 4.34 -1.40 -13.17
C LEU A 35 4.42 -1.24 -13.04
N ALA A 36 3.66 -0.41 -13.76
CA ALA A 36 2.30 -0.10 -13.34
C ALA A 36 1.38 -1.30 -13.48
N SER A 37 1.50 -2.06 -14.57
CA SER A 37 0.60 -3.19 -14.76
C SER A 37 0.83 -4.27 -13.70
N ALA A 38 2.09 -4.63 -13.45
CA ALA A 38 2.38 -5.64 -12.43
C ALA A 38 1.97 -5.14 -11.06
N ASN A 39 2.31 -3.90 -10.72
CA ASN A 39 2.01 -3.42 -9.38
C ASN A 39 0.51 -3.31 -9.14
N VAL A 40 -0.27 -3.02 -10.18
CA VAL A 40 -1.72 -2.97 -9.99
C VAL A 40 -2.31 -4.37 -9.88
N ASP A 41 -1.85 -5.31 -10.73
CA ASP A 41 -2.25 -6.70 -10.56
C ASP A 41 -1.94 -7.18 -9.16
N PHE A 42 -0.75 -6.84 -8.65
CA PHE A 42 -0.38 -7.26 -7.30
C PHE A 42 -1.30 -6.63 -6.27
N ALA A 43 -1.58 -5.33 -6.41
CA ALA A 43 -2.46 -4.63 -5.47
C ALA A 43 -3.79 -5.33 -5.31
N PHE A 44 -4.43 -5.69 -6.43
CA PHE A 44 -5.74 -6.29 -6.34
C PHE A 44 -5.66 -7.74 -5.89
N SER A 45 -4.61 -8.46 -6.27
CA SER A 45 -4.45 -9.82 -5.77
C SER A 45 -4.23 -9.85 -4.27
N LEU A 46 -3.44 -8.90 -3.76
CA LEU A 46 -3.23 -8.75 -2.33
C LEU A 46 -4.54 -8.38 -1.62
N TYR A 47 -5.24 -7.39 -2.15
CA TYR A 47 -6.52 -6.98 -1.57
C TYR A 47 -7.43 -8.18 -1.38
N LYS A 48 -7.58 -8.99 -2.43
CA LYS A 48 -8.53 -10.10 -2.36
C LYS A 48 -8.14 -11.10 -1.28
N GLN A 49 -6.84 -11.36 -1.11
CA GLN A 49 -6.41 -12.27 -0.06
C GLN A 49 -6.64 -11.68 1.32
N LEU A 50 -6.42 -10.38 1.50
CA LEU A 50 -6.68 -9.74 2.79
C LEU A 50 -8.14 -9.86 3.19
N VAL A 51 -9.04 -9.69 2.23
CA VAL A 51 -10.47 -9.75 2.54
C VAL A 51 -10.88 -11.19 2.82
N LEU A 52 -10.30 -12.15 2.11
CA LEU A 52 -10.58 -13.56 2.41
C LEU A 52 -10.14 -13.90 3.82
N LYS A 53 -9.01 -13.34 4.25
CA LYS A 53 -8.50 -13.62 5.59
C LYS A 53 -9.39 -13.01 6.67
N ALA A 54 -9.88 -11.79 6.45
CA ALA A 54 -10.64 -11.05 7.47
C ALA A 54 -11.83 -10.37 6.80
N PRO A 55 -12.87 -11.12 6.46
CA PRO A 55 -13.95 -10.55 5.63
C PRO A 55 -14.77 -9.46 6.32
N ASP A 56 -14.74 -9.35 7.64
CA ASP A 56 -15.55 -8.35 8.33
C ASP A 56 -14.78 -7.08 8.69
N LYS A 57 -13.52 -6.95 8.29
CA LYS A 57 -12.69 -5.87 8.79
C LYS A 57 -12.48 -4.79 7.73
N ASN A 58 -12.24 -3.57 8.20
CA ASN A 58 -11.65 -2.54 7.34
C ASN A 58 -10.36 -3.06 6.71
N VAL A 59 -10.07 -2.59 5.50
CA VAL A 59 -8.80 -2.84 4.84
C VAL A 59 -8.13 -1.49 4.62
N ILE A 60 -6.84 -1.38 4.95
CA ILE A 60 -6.02 -0.27 4.48
C ILE A 60 -4.58 -0.76 4.36
N PHE A 61 -3.99 -0.59 3.18
CA PHE A 61 -2.61 -1.00 2.97
C PHE A 61 -2.05 -0.21 1.80
N SER A 62 -0.72 -0.21 1.71
CA SER A 62 -0.05 0.41 0.58
C SER A 62 0.50 -0.65 -0.35
N PRO A 63 -0.10 -0.86 -1.52
CA PRO A 63 0.45 -1.86 -2.45
C PRO A 63 1.88 -1.55 -2.87
N VAL A 64 2.18 -0.28 -3.17
CA VAL A 64 3.50 0.07 -3.68
C VAL A 64 4.55 -0.08 -2.58
N SER A 65 4.18 0.15 -1.31
CA SER A 65 5.12 -0.13 -0.22
C SER A 65 5.47 -1.62 -0.18
N ILE A 66 4.47 -2.50 -0.29
CA ILE A 66 4.75 -3.93 -0.21
C ILE A 66 5.49 -4.41 -1.46
N SER A 67 5.09 -3.92 -2.64
CA SER A 67 5.81 -4.25 -3.87
C SER A 67 7.28 -3.85 -3.79
N THR A 68 7.55 -2.66 -3.26
CA THR A 68 8.92 -2.19 -3.22
C THR A 68 9.74 -2.98 -2.20
N ALA A 69 9.15 -3.29 -1.04
CA ALA A 69 9.84 -4.10 -0.03
C ALA A 69 10.23 -5.47 -0.58
N LEU A 70 9.30 -6.12 -1.28
CA LEU A 70 9.58 -7.44 -1.82
C LEU A 70 10.52 -7.39 -3.02
N ALA A 71 10.42 -6.34 -3.84
CA ALA A 71 11.44 -6.14 -4.88
C ALA A 71 12.82 -5.96 -4.25
N PHE A 72 12.91 -5.15 -3.20
CA PHE A 72 14.14 -5.04 -2.42
C PHE A 72 14.64 -6.41 -1.97
N LEU A 73 13.75 -7.22 -1.38
CA LEU A 73 14.14 -8.58 -0.97
C LEU A 73 14.65 -9.40 -2.15
N SER A 74 14.00 -9.31 -3.31
CA SER A 74 14.39 -10.15 -4.43
C SER A 74 15.79 -9.80 -4.94
N LEU A 75 16.28 -8.61 -4.62
CA LEU A 75 17.65 -8.24 -4.99
C LEU A 75 18.64 -9.29 -4.48
N GLY A 76 18.41 -9.80 -3.28
CA GLY A 76 19.29 -10.79 -2.68
C GLY A 76 18.92 -12.23 -2.93
N ALA A 77 17.85 -12.48 -3.67
CA ALA A 77 17.32 -13.82 -3.86
C ALA A 77 17.88 -14.46 -5.13
N HIS A 78 17.99 -15.79 -5.11
CA HIS A 78 18.40 -16.55 -6.27
C HIS A 78 17.44 -17.71 -6.50
N ASN A 79 17.50 -18.25 -7.72
CA ASN A 79 16.86 -19.53 -8.09
C ASN A 79 15.36 -19.48 -7.77
N THR A 80 14.80 -20.55 -7.21
CA THR A 80 13.36 -20.62 -7.02
C THR A 80 12.86 -19.55 -6.07
N THR A 81 13.69 -19.14 -5.12
CA THR A 81 13.28 -18.14 -4.19
C THR A 81 13.03 -16.86 -4.94
N LEU A 82 13.93 -16.53 -5.84
CA LEU A 82 13.80 -15.34 -6.64
C LEU A 82 12.65 -15.35 -7.61
N THR A 83 12.49 -16.41 -8.35
CA THR A 83 11.43 -16.45 -9.31
C THR A 83 10.08 -16.39 -8.65
N GLU A 84 9.93 -17.04 -7.53
CA GLU A 84 8.65 -17.02 -6.82
C GLU A 84 8.29 -15.61 -6.41
N ILE A 85 9.25 -14.84 -5.93
CA ILE A 85 8.99 -13.47 -5.51
C ILE A 85 8.57 -12.62 -6.70
N LEU A 86 9.29 -12.73 -7.81
CA LEU A 86 9.02 -11.86 -8.95
C LEU A 86 7.70 -12.20 -9.60
N LYS A 87 7.39 -13.49 -9.73
CA LYS A 87 6.09 -13.89 -10.24
C LYS A 87 4.98 -13.54 -9.24
N GLY A 88 5.26 -13.65 -7.95
CA GLY A 88 4.26 -13.28 -6.95
C GLY A 88 3.92 -11.80 -7.01
N LEU A 89 4.88 -10.97 -7.38
CA LEU A 89 4.64 -9.55 -7.61
C LEU A 89 3.98 -9.26 -8.95
N LYS A 90 3.69 -10.32 -9.73
CA LYS A 90 2.89 -10.26 -10.95
C LYS A 90 3.70 -9.74 -12.13
N PHE A 91 5.01 -9.95 -12.07
CA PHE A 91 5.85 -9.66 -13.22
C PHE A 91 5.80 -10.84 -14.19
N ASN A 92 5.76 -10.53 -15.47
CA ASN A 92 5.83 -11.52 -16.55
C ASN A 92 7.30 -11.70 -16.91
N LEU A 93 7.92 -12.77 -16.39
CA LEU A 93 9.35 -12.94 -16.60
C LEU A 93 9.70 -13.41 -18.00
N THR A 94 8.72 -13.78 -18.81
CA THR A 94 8.97 -13.99 -20.23
C THR A 94 9.01 -12.69 -21.01
N GLU A 95 8.66 -11.57 -20.38
CA GLU A 95 8.67 -10.28 -21.04
C GLU A 95 9.51 -9.25 -20.30
N THR A 96 10.17 -9.64 -19.21
CA THR A 96 11.03 -8.72 -18.47
C THR A 96 12.07 -9.53 -17.71
N SER A 97 13.10 -8.83 -17.25
CA SER A 97 14.20 -9.46 -16.52
C SER A 97 14.34 -8.82 -15.14
N GLU A 98 15.00 -9.54 -14.24
CA GLU A 98 15.25 -9.03 -12.90
C GLU A 98 15.93 -7.66 -12.96
N ALA A 99 16.90 -7.49 -13.87
CA ALA A 99 17.60 -6.21 -13.95
C ALA A 99 16.67 -5.10 -14.42
N GLU A 100 15.75 -5.39 -15.34
CA GLU A 100 14.77 -4.40 -15.74
C GLU A 100 13.86 -4.02 -14.57
N ILE A 101 13.43 -5.03 -13.80
CA ILE A 101 12.55 -4.77 -12.67
C ILE A 101 13.21 -3.84 -11.67
N HIS A 102 14.45 -4.14 -11.26
CA HIS A 102 15.13 -3.31 -10.28
C HIS A 102 15.32 -1.89 -10.77
N GLN A 103 15.65 -1.72 -12.06
CA GLN A 103 15.81 -0.36 -12.57
C GLN A 103 14.48 0.37 -12.61
N SER A 104 13.39 -0.35 -12.87
CA SER A 104 12.07 0.25 -12.83
C SER A 104 11.74 0.75 -11.43
N PHE A 105 12.06 -0.04 -10.39
CA PHE A 105 11.81 0.43 -9.04
C PHE A 105 12.73 1.59 -8.67
N GLN A 106 13.96 1.58 -9.16
CA GLN A 106 14.83 2.73 -8.92
C GLN A 106 14.20 4.01 -9.49
N HIS A 107 13.70 3.92 -10.73
CA HIS A 107 13.09 5.09 -11.35
C HIS A 107 11.83 5.51 -10.61
N LEU A 108 11.06 4.54 -10.12
CA LEU A 108 9.84 4.87 -9.38
C LEU A 108 10.16 5.65 -8.10
N LEU A 109 11.13 5.16 -7.33
CA LEU A 109 11.53 5.84 -6.11
C LEU A 109 12.03 7.24 -6.40
N ARG A 110 12.85 7.38 -7.44
CA ARG A 110 13.33 8.71 -7.81
C ARG A 110 12.17 9.64 -8.11
N THR A 111 11.23 9.18 -8.94
CA THR A 111 10.05 9.98 -9.29
C THR A 111 9.21 10.30 -8.05
N LEU A 112 8.90 9.29 -7.24
CA LEU A 112 8.04 9.55 -6.09
C LEU A 112 8.66 10.56 -5.12
N ASN A 113 9.98 10.58 -5.00
CA ASN A 113 10.61 11.43 -4.00
C ASN A 113 11.03 12.80 -4.54
N GLN A 114 10.58 13.19 -5.72
CA GLN A 114 10.87 14.53 -6.22
C GLN A 114 10.24 15.59 -5.31
N SER A 115 10.88 16.75 -5.24
CA SER A 115 10.32 17.85 -4.49
C SER A 115 9.01 18.32 -5.12
N SER A 116 8.09 18.79 -4.28
CA SER A 116 6.78 19.24 -4.73
C SER A 116 6.31 20.33 -3.78
N ASP A 117 5.67 21.36 -4.33
CA ASP A 117 5.11 22.42 -3.51
C ASP A 117 3.65 22.19 -3.16
N GLU A 118 3.00 21.19 -3.75
CA GLU A 118 1.57 20.97 -3.58
C GLU A 118 1.24 19.82 -2.64
N LEU A 119 1.88 18.67 -2.84
CA LEU A 119 1.57 17.45 -2.15
C LEU A 119 2.83 16.94 -1.46
N GLN A 120 2.67 16.33 -0.29
CA GLN A 120 3.80 15.73 0.42
C GLN A 120 3.81 14.23 0.17
N LEU A 121 4.89 13.73 -0.40
CA LEU A 121 4.99 12.30 -0.66
C LEU A 121 6.44 11.90 -0.49
N SER A 122 6.68 10.85 0.30
CA SER A 122 8.03 10.32 0.38
C SER A 122 7.97 8.82 0.58
N MET A 123 8.97 8.14 0.02
CA MET A 123 9.13 6.70 0.19
C MET A 123 10.61 6.43 0.42
N GLY A 124 10.90 5.65 1.45
CA GLY A 124 12.28 5.32 1.78
C GLY A 124 12.41 3.83 2.05
N ASN A 125 13.64 3.34 1.86
CA ASN A 125 14.01 1.96 2.17
C ASN A 125 15.24 1.98 3.05
N ALA A 126 15.33 1.01 3.95
CA ALA A 126 16.50 0.86 4.79
C ALA A 126 16.74 -0.62 5.06
N MET A 127 17.98 -0.96 5.37
CA MET A 127 18.29 -2.29 5.87
C MET A 127 19.00 -2.16 7.22
N PHE A 128 18.53 -2.95 8.18
CA PHE A 128 19.10 -3.01 9.52
C PHE A 128 19.77 -4.39 9.64
N VAL A 129 21.08 -4.41 9.90
CA VAL A 129 21.85 -5.63 9.76
CA VAL A 129 21.86 -5.63 9.75
C VAL A 129 22.77 -5.82 10.96
N LYS A 130 22.86 -7.06 11.43
CA LYS A 130 23.84 -7.39 12.46
C LYS A 130 25.24 -7.07 11.94
N GLU A 131 26.05 -6.40 12.76
CA GLU A 131 27.34 -5.95 12.25
C GLU A 131 28.23 -7.14 11.86
N GLN A 132 28.13 -8.25 12.61
CA GLN A 132 28.98 -9.41 12.35
C GLN A 132 28.60 -10.14 11.06
N LEU A 133 27.43 -9.87 10.50
CA LEU A 133 26.99 -10.59 9.31
C LEU A 133 27.74 -10.07 8.09
N SER A 134 28.38 -10.99 7.36
CA SER A 134 29.15 -10.61 6.18
C SER A 134 28.22 -10.44 4.98
N LEU A 135 28.22 -9.25 4.39
CA LEU A 135 27.40 -8.92 3.24
C LEU A 135 28.26 -8.81 1.99
N LEU A 136 27.74 -9.27 0.86
CA LEU A 136 28.40 -9.03 -0.41
C LEU A 136 28.48 -7.54 -0.68
N ASP A 137 29.64 -7.08 -1.16
CA ASP A 137 29.77 -5.67 -1.55
C ASP A 137 28.77 -5.32 -2.64
N ARG A 138 28.55 -6.27 -3.54
CA ARG A 138 27.62 -6.08 -4.65
C ARG A 138 26.19 -5.84 -4.17
N PHE A 139 25.80 -6.52 -3.09
CA PHE A 139 24.46 -6.36 -2.55
C PHE A 139 24.25 -4.97 -1.93
N THR A 140 25.16 -4.56 -1.03
CA THR A 140 24.99 -3.27 -0.38
C THR A 140 25.09 -2.12 -1.37
N GLU A 141 25.98 -2.24 -2.36
CA GLU A 141 26.07 -1.21 -3.40
C GLU A 141 24.78 -1.13 -4.20
N ASP A 142 24.24 -2.29 -4.60
CA ASP A 142 23.00 -2.30 -5.37
C ASP A 142 21.83 -1.81 -4.53
N ALA A 143 21.79 -2.19 -3.26
CA ALA A 143 20.72 -1.75 -2.37
C ALA A 143 20.66 -0.23 -2.31
N LYS A 144 21.82 0.40 -2.16
CA LYS A 144 21.87 1.85 -2.12
C LYS A 144 21.55 2.45 -3.48
N ARG A 145 22.11 1.88 -4.55
CA ARG A 145 21.97 2.45 -5.89
C ARG A 145 20.54 2.31 -6.42
N LEU A 146 19.95 1.13 -6.25
CA LEU A 146 18.64 0.83 -6.81
C LEU A 146 17.48 1.20 -5.88
N TYR A 147 17.64 0.97 -4.58
CA TYR A 147 16.53 1.16 -3.65
C TYR A 147 16.76 2.31 -2.68
N GLY A 148 17.87 3.04 -2.84
CA GLY A 148 18.12 4.15 -1.95
C GLY A 148 18.36 3.76 -0.51
N SER A 149 18.74 2.51 -0.26
CA SER A 149 18.83 1.98 1.09
C SER A 149 20.25 2.09 1.63
N GLU A 150 20.37 2.68 2.83
CA GLU A 150 21.59 2.52 3.59
C GLU A 150 21.56 1.18 4.32
N ALA A 151 22.70 0.79 4.87
CA ALA A 151 22.81 -0.39 5.72
C ALA A 151 23.13 0.10 7.12
N PHE A 152 22.21 -0.12 8.06
CA PHE A 152 22.37 0.32 9.44
C PHE A 152 22.79 -0.87 10.29
N ALA A 153 23.99 -0.78 10.86
CA ALA A 153 24.44 -1.78 11.82
C ALA A 153 23.52 -1.77 13.03
N THR A 154 22.99 -2.94 13.35
CA THR A 154 21.97 -3.10 14.39
C THR A 154 22.33 -4.28 15.28
N ASP A 155 22.26 -4.07 16.59
CA ASP A 155 22.51 -5.16 17.54
C ASP A 155 21.17 -5.79 17.92
N PHE A 156 20.78 -6.82 17.17
CA PHE A 156 19.50 -7.45 17.41
C PHE A 156 19.47 -8.24 18.71
N GLN A 157 20.63 -8.58 19.28
CA GLN A 157 20.63 -9.27 20.56
C GLN A 157 20.11 -8.37 21.67
N ASP A 158 20.26 -7.05 21.52
CA ASP A 158 19.53 -6.09 22.35
C ASP A 158 18.23 -5.76 21.63
N SER A 159 17.29 -6.71 21.68
CA SER A 159 16.12 -6.62 20.81
C SER A 159 15.30 -5.36 21.10
N ALA A 160 15.19 -4.96 22.36
CA ALA A 160 14.41 -3.76 22.68
C ALA A 160 14.98 -2.52 22.00
N ALA A 161 16.31 -2.37 22.02
CA ALA A 161 16.93 -1.23 21.35
C ALA A 161 16.87 -1.35 19.84
N ALA A 162 17.06 -2.58 19.31
CA ALA A 162 16.93 -2.76 17.87
C ALA A 162 15.51 -2.46 17.41
N LYS A 163 14.52 -2.90 18.19
CA LYS A 163 13.13 -2.58 17.86
C LYS A 163 12.89 -1.08 17.89
N LYS A 164 13.46 -0.39 18.88
CA LYS A 164 13.26 1.06 18.96
C LYS A 164 13.86 1.78 17.77
N LEU A 165 15.00 1.35 17.33
CA LEU A 165 15.64 1.98 16.24
C LEU A 165 14.83 1.86 14.94
N ILE A 166 14.42 0.66 14.59
CA ILE A 166 13.63 0.46 13.38
C ILE A 166 12.32 1.25 13.47
N ASN A 167 11.65 1.17 14.62
CA ASN A 167 10.38 1.89 14.77
C ASN A 167 10.60 3.40 14.67
N ASP A 168 11.71 3.91 15.22
CA ASP A 168 12.01 5.34 15.09
C ASP A 168 12.25 5.72 13.63
N TYR A 169 12.94 4.86 12.89
CA TYR A 169 13.15 5.12 11.47
C TYR A 169 11.82 5.25 10.73
N VAL A 170 10.88 4.37 11.04
CA VAL A 170 9.57 4.41 10.40
C VAL A 170 8.77 5.60 10.90
N LYS A 171 8.82 5.87 12.20
CA LYS A 171 8.13 7.04 12.74
C LYS A 171 8.67 8.33 12.13
N ASN A 172 10.00 8.43 11.98
CA ASN A 172 10.59 9.60 11.31
C ASN A 172 10.10 9.69 9.88
N GLY A 173 10.14 8.57 9.14
CA GLY A 173 9.77 8.62 7.74
C GLY A 173 8.30 8.93 7.52
N THR A 174 7.44 8.46 8.42
CA THR A 174 6.00 8.69 8.30
C THR A 174 5.53 9.91 9.10
N ARG A 175 6.47 10.76 9.48
CA ARG A 175 6.16 11.99 10.22
C ARG A 175 5.30 11.73 11.46
N GLY A 176 5.59 10.62 12.13
CA GLY A 176 4.89 10.24 13.34
C GLY A 176 3.64 9.42 13.14
N LYS A 177 3.25 9.12 11.90
CA LYS A 177 1.97 8.44 11.67
C LYS A 177 2.02 6.97 12.05
N ILE A 178 3.16 6.31 11.86
CA ILE A 178 3.29 4.87 12.15
C ILE A 178 4.39 4.67 13.18
N THR A 179 4.00 4.30 14.40
CA THR A 179 4.93 4.28 15.51
C THR A 179 5.32 2.88 16.00
N ASP A 180 4.60 1.84 15.61
CA ASP A 180 4.81 0.53 16.20
C ASP A 180 4.79 -0.57 15.13
N LEU A 181 5.50 -0.34 14.02
CA LEU A 181 5.51 -1.36 12.96
C LEU A 181 6.05 -2.69 13.49
N ILE A 182 7.15 -2.65 14.22
CA ILE A 182 7.75 -3.85 14.78
C ILE A 182 7.20 -4.02 16.19
N LYS A 183 6.44 -5.10 16.42
CA LYS A 183 5.93 -5.38 17.75
C LYS A 183 6.87 -6.28 18.53
N ASP A 184 7.39 -7.30 17.85
CA ASP A 184 8.32 -8.25 18.43
C ASP A 184 9.48 -8.48 17.47
N LEU A 185 10.67 -8.68 18.01
CA LEU A 185 11.81 -8.92 17.23
C LEU A 185 12.63 -10.01 17.86
N ASP A 186 12.75 -11.11 17.18
CA ASP A 186 13.59 -12.21 17.61
C ASP A 186 15.00 -11.70 17.87
N SER A 187 15.59 -12.14 19.00
CA SER A 187 16.95 -11.72 19.32
C SER A 187 17.96 -12.30 18.35
N GLN A 188 17.61 -13.34 17.57
CA GLN A 188 18.50 -13.94 16.59
C GLN A 188 18.22 -13.44 15.17
N THR A 189 17.50 -12.32 15.04
CA THR A 189 17.35 -11.68 13.74
C THR A 189 18.71 -11.26 13.21
N MET A 190 18.90 -11.47 11.90
CA MET A 190 20.12 -11.07 11.21
C MET A 190 19.95 -9.79 10.41
N MET A 191 18.76 -9.54 9.90
CA MET A 191 18.54 -8.43 8.97
C MET A 191 17.04 -8.10 8.96
N VAL A 192 16.73 -6.81 8.85
CA VAL A 192 15.36 -6.37 8.61
C VAL A 192 15.39 -5.38 7.46
N LEU A 193 14.63 -5.66 6.41
CA LEU A 193 14.42 -4.71 5.32
C LEU A 193 13.15 -3.94 5.58
N VAL A 194 13.19 -2.62 5.40
CA VAL A 194 12.08 -1.74 5.75
C VAL A 194 11.78 -0.79 4.59
N ASN A 195 10.50 -0.66 4.26
CA ASN A 195 10.00 0.36 3.35
C ASN A 195 8.94 1.16 4.08
N TYR A 196 8.92 2.47 3.88
CA TYR A 196 7.81 3.30 4.35
C TYR A 196 7.34 4.19 3.22
N ILE A 197 6.06 4.57 3.29
CA ILE A 197 5.48 5.57 2.41
C ILE A 197 4.73 6.57 3.26
N PHE A 198 4.87 7.85 2.92
CA PHE A 198 4.24 8.95 3.63
C PHE A 198 3.52 9.81 2.60
N PHE A 199 2.27 10.14 2.88
CA PHE A 199 1.40 10.87 1.95
C PHE A 199 0.56 11.88 2.71
N LYS A 200 0.62 13.13 2.28
CA LYS A 200 -0.19 14.18 2.88
C LYS A 200 -0.63 15.13 1.78
N ALA A 201 -1.94 15.32 1.64
CA ALA A 201 -2.45 16.02 0.47
C ALA A 201 -3.69 16.81 0.84
N LYS A 202 -3.90 17.92 0.12
CA LYS A 202 -5.09 18.74 0.27
C LYS A 202 -6.07 18.42 -0.84
N TRP A 203 -7.36 18.42 -0.50
CA TRP A 203 -8.38 18.32 -1.53
C TRP A 203 -8.29 19.51 -2.46
N GLU A 204 -8.46 19.26 -3.75
CA GLU A 204 -8.68 20.36 -4.68
C GLU A 204 -9.95 21.13 -4.32
N MET A 205 -10.96 20.42 -3.84
CA MET A 205 -12.24 21.01 -3.41
C MET A 205 -12.48 20.57 -1.97
N PRO A 206 -11.99 21.31 -0.99
CA PRO A 206 -12.07 20.86 0.41
C PRO A 206 -13.47 21.01 0.96
N PHE A 207 -13.75 20.19 1.98
CA PHE A 207 -15.02 20.24 2.70
C PHE A 207 -14.98 21.37 3.71
N ASP A 208 -16.11 22.08 3.84
CA ASP A 208 -16.28 23.05 4.90
C ASP A 208 -16.67 22.32 6.19
N PRO A 209 -15.93 22.47 7.28
CA PRO A 209 -16.28 21.76 8.52
C PRO A 209 -17.63 22.16 9.07
N GLN A 210 -18.13 23.34 8.69
CA GLN A 210 -19.47 23.73 9.15
C GLN A 210 -20.55 22.85 8.54
N ASP A 211 -20.25 22.13 7.47
CA ASP A 211 -21.20 21.23 6.82
C ASP A 211 -21.03 19.79 7.26
N THR A 212 -20.16 19.51 8.22
CA THR A 212 -19.95 18.17 8.73
C THR A 212 -20.93 17.94 9.88
N HIS A 213 -21.72 16.86 9.78
CA HIS A 213 -22.76 16.58 10.77
C HIS A 213 -22.79 15.10 11.09
N GLN A 214 -23.10 14.79 12.35
CA GLN A 214 -23.28 13.40 12.74
C GLN A 214 -24.38 12.77 11.91
N SER A 215 -24.08 11.63 11.28
CA SER A 215 -25.05 10.94 10.44
CA SER A 215 -25.05 10.94 10.45
C SER A 215 -24.82 9.44 10.53
N ARG A 216 -25.78 8.68 10.03
CA ARG A 216 -25.67 7.24 10.06
C ARG A 216 -24.68 6.72 9.03
N PHE A 217 -23.84 5.78 9.45
CA PHE A 217 -23.07 4.94 8.53
C PHE A 217 -23.57 3.52 8.76
N TYR A 218 -24.22 2.97 7.74
CA TYR A 218 -24.88 1.67 7.82
C TYR A 218 -23.86 0.55 7.66
N LEU A 219 -23.59 -0.17 8.76
CA LEU A 219 -22.76 -1.35 8.68
C LEU A 219 -23.46 -2.48 7.92
N SER A 220 -24.79 -2.51 8.00
CA SER A 220 -25.63 -3.46 7.26
C SER A 220 -26.97 -2.78 7.06
N LYS A 221 -27.91 -3.48 6.40
CA LYS A 221 -29.22 -2.89 6.21
C LYS A 221 -29.88 -2.53 7.53
N LYS A 222 -29.55 -3.24 8.61
CA LYS A 222 -30.25 -3.09 9.88
C LYS A 222 -29.44 -2.39 10.97
N LYS A 223 -28.13 -2.24 10.81
CA LYS A 223 -27.28 -1.72 11.87
C LYS A 223 -26.43 -0.57 11.34
N TRP A 224 -26.27 0.48 12.15
CA TRP A 224 -25.45 1.61 11.74
C TRP A 224 -24.61 2.10 12.91
N VAL A 225 -23.66 2.98 12.59
CA VAL A 225 -22.94 3.75 13.59
C VAL A 225 -23.04 5.22 13.18
N MET A 226 -22.94 6.11 14.17
CA MET A 226 -22.97 7.54 13.94
C MET A 226 -21.55 8.05 13.68
N VAL A 227 -21.36 8.70 12.54
CA VAL A 227 -20.05 9.24 12.16
C VAL A 227 -20.22 10.71 11.80
N PRO A 228 -19.14 11.50 11.87
CA PRO A 228 -19.16 12.84 11.26
C PRO A 228 -19.20 12.69 9.75
N MET A 229 -20.25 13.21 9.14
CA MET A 229 -20.44 13.08 7.70
C MET A 229 -20.17 14.44 7.07
N MET A 230 -19.04 14.53 6.36
CA MET A 230 -18.69 15.74 5.63
C MET A 230 -19.55 15.84 4.37
N SER A 231 -19.68 17.06 3.84
CA SER A 231 -20.45 17.19 2.62
C SER A 231 -19.86 18.30 1.74
N LEU A 232 -19.99 18.08 0.44
CA LEU A 232 -19.73 19.07 -0.58
C LEU A 232 -21.02 19.27 -1.35
N HIS A 233 -21.24 20.49 -1.81
CA HIS A 233 -22.47 20.85 -2.53
C HIS A 233 -22.11 21.50 -3.84
N HIS A 234 -22.92 21.22 -4.87
CA HIS A 234 -22.78 21.82 -6.21
C HIS A 234 -21.36 21.66 -6.74
N LEU A 235 -21.06 20.41 -7.05
CA LEU A 235 -19.72 19.95 -7.38
C LEU A 235 -19.79 19.26 -8.73
N THR A 236 -18.81 19.52 -9.59
CA THR A 236 -18.72 18.85 -10.89
C THR A 236 -17.46 18.00 -10.89
N ILE A 237 -17.63 16.68 -10.92
CA ILE A 237 -16.50 15.75 -10.78
C ILE A 237 -16.72 14.56 -11.71
N PRO A 238 -15.65 13.81 -11.99
CA PRO A 238 -15.80 12.60 -12.80
C PRO A 238 -16.62 11.55 -12.06
N TYR A 239 -17.53 10.91 -12.80
CA TYR A 239 -18.58 10.09 -12.23
C TYR A 239 -18.88 8.96 -13.19
N PHE A 240 -19.18 7.78 -12.66
CA PHE A 240 -19.62 6.68 -13.51
C PHE A 240 -20.51 5.75 -12.69
N ARG A 241 -21.74 5.57 -13.13
CA ARG A 241 -22.64 4.59 -12.54
C ARG A 241 -22.42 3.28 -13.29
N ASP A 242 -21.87 2.27 -12.61
CA ASP A 242 -21.62 0.95 -13.19
C ASP A 242 -22.83 0.08 -12.89
N GLU A 243 -23.82 0.11 -13.78
CA GLU A 243 -25.06 -0.63 -13.54
C GLU A 243 -24.81 -2.13 -13.46
N GLU A 244 -23.95 -2.67 -14.32
CA GLU A 244 -23.72 -4.10 -14.32
C GLU A 244 -23.14 -4.56 -12.99
N LEU A 245 -22.25 -3.77 -12.41
CA LEU A 245 -21.59 -4.12 -11.16
C LEU A 245 -22.30 -3.56 -9.93
N SER A 246 -23.42 -2.86 -10.11
CA SER A 246 -24.20 -2.28 -9.02
C SER A 246 -23.35 -1.39 -8.11
N CYS A 247 -22.63 -0.46 -8.72
CA CYS A 247 -21.80 0.43 -7.92
C CYS A 247 -21.65 1.77 -8.64
N THR A 248 -21.30 2.79 -7.86
CA THR A 248 -21.04 4.12 -8.37
C THR A 248 -19.58 4.45 -8.12
N VAL A 249 -18.93 5.05 -9.11
CA VAL A 249 -17.51 5.40 -9.03
C VAL A 249 -17.40 6.90 -9.21
N VAL A 250 -16.66 7.56 -8.31
CA VAL A 250 -16.34 8.97 -8.47
C VAL A 250 -14.86 9.17 -8.23
N GLN A 251 -14.32 10.22 -8.81
CA GLN A 251 -12.92 10.58 -8.63
CA GLN A 251 -12.92 10.57 -8.63
C GLN A 251 -12.86 11.93 -7.96
N LEU A 252 -12.19 12.01 -6.83
CA LEU A 252 -11.92 13.29 -6.17
C LEU A 252 -10.43 13.56 -6.29
N ASN A 253 -10.09 14.82 -6.60
CA ASN A 253 -8.71 15.20 -6.87
C ASN A 253 -8.06 15.80 -5.63
N TYR A 254 -6.78 15.50 -5.46
CA TYR A 254 -5.92 16.29 -4.60
C TYR A 254 -5.21 17.35 -5.43
N THR A 255 -4.77 18.40 -4.76
CA THR A 255 -3.84 19.33 -5.39
C THR A 255 -2.52 18.61 -5.62
N GLY A 256 -2.10 18.51 -6.87
CA GLY A 256 -0.99 17.69 -7.25
C GLY A 256 -1.42 16.62 -8.23
N ASN A 257 -0.52 15.68 -8.50
CA ASN A 257 -0.79 14.66 -9.51
C ASN A 257 -1.46 13.43 -8.92
N ALA A 258 -2.13 13.56 -7.78
CA ALA A 258 -2.78 12.42 -7.14
C ALA A 258 -4.28 12.64 -7.08
N SER A 259 -5.01 11.52 -7.07
CA SER A 259 -6.45 11.55 -6.92
CA SER A 259 -6.46 11.54 -6.95
C SER A 259 -6.87 10.28 -6.19
N VAL A 260 -8.16 10.17 -5.90
CA VAL A 260 -8.67 8.98 -5.25
C VAL A 260 -9.92 8.53 -5.99
N PHE A 261 -9.96 7.25 -6.35
CA PHE A 261 -11.15 6.61 -6.85
C PHE A 261 -11.97 6.11 -5.67
N PHE A 262 -13.18 6.62 -5.51
CA PHE A 262 -14.14 6.11 -4.54
C PHE A 262 -15.09 5.18 -5.28
N ILE A 263 -15.27 3.97 -4.76
CA ILE A 263 -16.22 3.01 -5.34
C ILE A 263 -17.26 2.72 -4.27
N LEU A 264 -18.51 3.03 -4.56
CA LEU A 264 -19.61 2.89 -3.62
C LEU A 264 -20.54 1.79 -4.12
N PRO A 265 -20.39 0.55 -3.66
CA PRO A 265 -21.34 -0.50 -4.06
C PRO A 265 -22.70 -0.22 -3.46
N ASP A 266 -23.74 -0.59 -4.20
CA ASP A 266 -25.08 -0.58 -3.63
C ASP A 266 -25.09 -1.43 -2.37
N GLN A 267 -26.06 -1.16 -1.50
CA GLN A 267 -26.22 -1.93 -0.27
C GLN A 267 -26.14 -3.42 -0.53
N ASP A 268 -25.25 -4.09 0.22
CA ASP A 268 -24.99 -5.53 0.16
C ASP A 268 -24.39 -6.02 -1.17
N LYS A 269 -23.79 -5.14 -1.98
CA LYS A 269 -23.12 -5.59 -3.19
C LYS A 269 -21.60 -5.50 -3.10
N MET A 270 -21.05 -5.19 -1.93
CA MET A 270 -19.60 -5.05 -1.80
C MET A 270 -18.86 -6.28 -2.30
N GLU A 271 -19.33 -7.48 -1.91
CA GLU A 271 -18.60 -8.68 -2.29
C GLU A 271 -18.64 -8.91 -3.79
N GLU A 272 -19.76 -8.59 -4.44
CA GLU A 272 -19.83 -8.68 -5.90
C GLU A 272 -18.82 -7.76 -6.57
N VAL A 273 -18.66 -6.56 -6.03
CA VAL A 273 -17.70 -5.60 -6.58
C VAL A 273 -16.28 -6.07 -6.32
N GLU A 274 -16.00 -6.52 -5.10
CA GLU A 274 -14.66 -6.99 -4.75
C GLU A 274 -14.21 -8.11 -5.69
N ALA A 275 -15.13 -9.01 -6.04
CA ALA A 275 -14.79 -10.12 -6.93
C ALA A 275 -14.45 -9.65 -8.34
N MET A 276 -14.88 -8.46 -8.72
CA MET A 276 -14.56 -7.90 -10.02
C MET A 276 -13.34 -6.98 -10.01
N LEU A 277 -12.72 -6.76 -8.86
CA LEU A 277 -11.53 -5.90 -8.79
C LEU A 277 -10.39 -6.49 -9.61
N SER A 278 -9.85 -5.69 -10.51
CA SER A 278 -8.77 -6.11 -11.40
C SER A 278 -8.23 -4.89 -12.11
N ARG A 279 -7.02 -5.04 -12.68
CA ARG A 279 -6.50 -3.99 -13.55
C ARG A 279 -7.48 -3.67 -14.68
N GLU A 280 -8.11 -4.69 -15.26
CA GLU A 280 -9.06 -4.44 -16.35
C GLU A 280 -10.26 -3.62 -15.87
N THR A 281 -10.82 -3.97 -14.72
CA THR A 281 -11.97 -3.22 -14.21
C THR A 281 -11.57 -1.77 -13.90
N LEU A 282 -10.44 -1.58 -13.24
CA LEU A 282 -10.01 -0.22 -12.92
C LEU A 282 -9.77 0.59 -14.19
N ALA A 283 -9.17 -0.03 -15.20
CA ALA A 283 -8.99 0.66 -16.48
C ALA A 283 -10.32 1.03 -17.10
N ARG A 284 -11.28 0.11 -17.01
CA ARG A 284 -12.62 0.35 -17.53
C ARG A 284 -13.23 1.53 -16.81
N TRP A 285 -13.23 1.48 -15.48
CA TRP A 285 -13.76 2.58 -14.69
C TRP A 285 -13.12 3.92 -15.08
N GLY A 286 -11.78 3.96 -15.09
CA GLY A 286 -11.11 5.19 -15.46
C GLY A 286 -11.54 5.71 -16.81
N ASP A 287 -11.76 4.82 -17.76
CA ASP A 287 -12.14 5.22 -19.10
C ASP A 287 -13.62 5.54 -19.25
N SER A 288 -14.45 5.21 -18.26
CA SER A 288 -15.89 5.46 -18.33
C SER A 288 -16.33 6.69 -17.56
N LEU A 289 -15.45 7.31 -16.79
CA LEU A 289 -15.82 8.47 -15.99
C LEU A 289 -16.19 9.64 -16.90
N GLU A 290 -17.25 10.34 -16.52
CA GLU A 290 -17.64 11.56 -17.22
C GLU A 290 -18.01 12.61 -16.19
N PHE A 291 -17.80 13.87 -16.51
CA PHE A 291 -18.10 14.94 -15.59
C PHE A 291 -19.57 15.07 -15.35
N ARG A 292 -19.95 15.23 -14.12
CA ARG A 292 -21.32 15.32 -13.76
C ARG A 292 -21.50 16.27 -12.62
N GLU A 293 -22.58 17.03 -12.61
CA GLU A 293 -22.85 17.93 -11.52
C GLU A 293 -23.51 17.14 -10.44
N ILE A 294 -22.88 17.10 -9.30
CA ILE A 294 -23.39 16.40 -8.13
C ILE A 294 -24.03 17.43 -7.21
N GLY A 295 -25.31 17.26 -6.92
CA GLY A 295 -25.96 18.18 -5.99
C GLY A 295 -25.34 18.14 -4.61
N GLU A 296 -25.17 16.93 -4.06
CA GLU A 296 -24.61 16.75 -2.74
C GLU A 296 -23.74 15.49 -2.74
N LEU A 297 -22.57 15.59 -2.13
CA LEU A 297 -21.72 14.45 -1.90
C LEU A 297 -21.44 14.37 -0.42
N TYR A 298 -21.68 13.20 0.17
CA TYR A 298 -21.47 12.97 1.58
C TYR A 298 -20.37 11.94 1.78
N LEU A 299 -19.38 12.28 2.60
CA LEU A 299 -18.23 11.43 2.84
C LEU A 299 -17.86 11.48 4.32
N PRO A 300 -17.74 10.34 4.99
CA PRO A 300 -17.38 10.36 6.41
C PRO A 300 -15.98 10.93 6.64
N LYS A 301 -15.84 11.60 7.76
CA LYS A 301 -14.52 11.93 8.31
C LYS A 301 -14.12 10.77 9.21
N PHE A 302 -12.93 10.20 8.98
CA PHE A 302 -12.58 8.97 9.67
C PHE A 302 -11.08 8.77 9.67
N SER A 303 -10.62 7.98 10.63
CA SER A 303 -9.24 7.49 10.67
C SER A 303 -9.31 6.01 10.95
N ILE A 304 -8.69 5.20 10.07
CA ILE A 304 -8.64 3.76 10.27
C ILE A 304 -7.21 3.27 10.13
N SER A 305 -6.89 2.19 10.83
CA SER A 305 -5.56 1.60 10.70
C SER A 305 -5.67 0.10 10.77
N ARG A 306 -4.72 -0.58 10.12
CA ARG A 306 -4.67 -2.03 10.17
C ARG A 306 -3.21 -2.47 10.23
N ASP A 307 -2.94 -3.52 11.01
CA ASP A 307 -1.65 -4.17 11.10
C ASP A 307 -1.76 -5.56 10.51
N TYR A 308 -0.77 -5.97 9.72
CA TYR A 308 -0.84 -7.23 8.99
C TYR A 308 0.40 -8.07 9.22
N ASN A 309 0.18 -9.37 9.42
CA ASN A 309 1.19 -10.41 9.25
C ASN A 309 0.95 -10.97 7.86
N LEU A 310 1.83 -10.69 6.92
CA LEU A 310 1.60 -11.04 5.53
C LEU A 310 2.06 -12.45 5.16
N ASN A 311 2.50 -13.25 6.13
CA ASN A 311 3.11 -14.53 5.81
C ASN A 311 2.16 -15.43 5.04
N ASP A 312 0.94 -15.63 5.57
CA ASP A 312 0.03 -16.52 4.86
C ASP A 312 -0.41 -15.89 3.55
N ILE A 313 -0.51 -14.56 3.52
CA ILE A 313 -0.91 -13.86 2.32
C ILE A 313 0.07 -14.13 1.20
N LEU A 314 1.37 -13.95 1.48
CA LEU A 314 2.38 -14.13 0.45
C LEU A 314 2.49 -15.59 0.03
N LEU A 315 2.29 -16.51 0.96
CA LEU A 315 2.25 -17.91 0.59
CA LEU A 315 2.26 -17.91 0.58
C LEU A 315 1.12 -18.18 -0.41
N GLN A 316 -0.05 -17.60 -0.15
CA GLN A 316 -1.19 -17.78 -1.07
C GLN A 316 -0.87 -17.22 -2.45
N LEU A 317 -0.04 -16.18 -2.52
CA LEU A 317 0.36 -15.60 -3.79
C LEU A 317 1.60 -16.28 -4.37
N GLY A 318 2.05 -17.39 -3.79
CA GLY A 318 3.09 -18.19 -4.37
C GLY A 318 4.49 -17.96 -3.84
N ILE A 319 4.68 -17.07 -2.87
CA ILE A 319 6.01 -16.79 -2.33
C ILE A 319 6.21 -17.73 -1.15
N GLU A 320 6.94 -18.82 -1.38
CA GLU A 320 7.01 -19.90 -0.41
C GLU A 320 8.43 -20.22 0.03
N GLU A 321 9.34 -20.43 -0.92
CA GLU A 321 10.67 -20.93 -0.57
C GLU A 321 11.41 -19.97 0.33
N ALA A 322 11.22 -18.66 0.16
CA ALA A 322 11.93 -17.67 0.98
C ALA A 322 11.71 -17.88 2.47
N PHE A 323 10.61 -18.50 2.87
CA PHE A 323 10.30 -18.75 4.28
C PHE A 323 10.83 -20.08 4.79
N THR A 324 11.36 -20.93 3.91
CA THR A 324 11.66 -22.32 4.24
C THR A 324 13.15 -22.52 4.45
N SER A 325 13.49 -23.74 4.89
CA SER A 325 14.89 -24.10 5.04
CA SER A 325 14.88 -24.15 5.03
C SER A 325 15.59 -24.22 3.69
N LYS A 326 14.85 -24.22 2.58
CA LYS A 326 15.39 -24.20 1.24
C LYS A 326 15.54 -22.78 0.70
N ALA A 327 15.39 -21.76 1.54
CA ALA A 327 15.51 -20.37 1.10
C ALA A 327 16.85 -20.13 0.43
N ASP A 328 16.83 -19.38 -0.68
CA ASP A 328 18.04 -18.99 -1.38
C ASP A 328 18.12 -17.47 -1.41
N LEU A 329 18.74 -16.91 -0.37
CA LEU A 329 19.07 -15.50 -0.31
C LEU A 329 20.57 -15.30 -0.43
N SER A 330 21.22 -16.13 -1.25
CA SER A 330 22.69 -16.10 -1.35
C SER A 330 23.19 -14.87 -2.08
N GLY A 331 22.31 -14.07 -2.68
CA GLY A 331 22.70 -12.79 -3.22
C GLY A 331 22.99 -11.73 -2.18
N ILE A 332 22.61 -11.96 -0.92
CA ILE A 332 22.91 -11.03 0.15
C ILE A 332 24.31 -11.29 0.70
N THR A 333 24.64 -12.56 0.96
CA THR A 333 25.85 -12.92 1.69
C THR A 333 26.87 -13.72 0.90
N GLY A 334 26.48 -14.33 -0.22
CA GLY A 334 27.30 -15.30 -0.91
C GLY A 334 27.05 -16.73 -0.51
N ALA A 335 26.29 -16.95 0.55
CA ALA A 335 25.94 -18.29 1.00
C ALA A 335 24.44 -18.39 1.24
N ARG A 336 23.94 -19.62 1.22
CA ARG A 336 22.51 -19.85 1.50
C ARG A 336 22.29 -19.97 3.00
N ASN A 337 22.55 -18.86 3.71
CA ASN A 337 22.54 -18.86 5.16
C ASN A 337 21.49 -17.94 5.79
N LEU A 338 20.54 -17.45 5.00
CA LEU A 338 19.50 -16.52 5.48
C LEU A 338 18.12 -16.97 4.99
N ALA A 339 17.09 -16.68 5.79
CA ALA A 339 15.72 -17.00 5.44
C ALA A 339 14.77 -15.95 6.02
N VAL A 340 13.68 -15.70 5.31
CA VAL A 340 12.67 -14.78 5.84
C VAL A 340 11.92 -15.49 6.97
N SER A 341 11.71 -14.78 8.08
CA SER A 341 10.84 -15.29 9.12
C SER A 341 9.44 -14.68 9.05
N GLN A 342 9.34 -13.39 8.75
CA GLN A 342 8.06 -12.71 8.79
C GLN A 342 8.09 -11.46 7.92
N VAL A 343 6.99 -11.21 7.22
CA VAL A 343 6.75 -9.94 6.53
C VAL A 343 5.54 -9.29 7.21
N VAL A 344 5.72 -8.06 7.69
CA VAL A 344 4.66 -7.31 8.35
C VAL A 344 4.40 -6.01 7.60
N HIS A 345 3.20 -5.49 7.80
CA HIS A 345 2.78 -4.27 7.15
C HIS A 345 1.81 -3.56 8.08
N LYS A 346 1.95 -2.25 8.19
CA LYS A 346 1.01 -1.42 8.93
C LYS A 346 0.66 -0.20 8.10
N ALA A 347 -0.59 0.22 8.13
CA ALA A 347 -1.05 1.35 7.35
C ALA A 347 -2.13 2.11 8.11
N VAL A 348 -2.18 3.41 7.86
CA VAL A 348 -3.12 4.31 8.51
C VAL A 348 -3.66 5.24 7.43
N LEU A 349 -4.98 5.51 7.48
CA LEU A 349 -5.65 6.39 6.55
C LEU A 349 -6.51 7.36 7.34
N ASP A 350 -6.28 8.65 7.12
CA ASP A 350 -7.00 9.72 7.80
CA ASP A 350 -6.99 9.72 7.81
C ASP A 350 -7.63 10.61 6.76
N VAL A 351 -8.97 10.67 6.76
CA VAL A 351 -9.74 11.44 5.78
C VAL A 351 -10.52 12.51 6.55
N PHE A 352 -10.40 13.77 6.12
CA PHE A 352 -10.97 14.88 6.84
C PHE A 352 -11.19 16.03 5.85
N GLU A 353 -11.68 17.17 6.39
CA GLU A 353 -12.25 18.20 5.53
C GLU A 353 -11.19 18.84 4.62
N GLU A 354 -9.97 18.98 5.11
CA GLU A 354 -8.92 19.68 4.37
C GLU A 354 -8.22 18.79 3.34
N GLY A 355 -8.22 17.48 3.57
CA GLY A 355 -7.49 16.57 2.70
C GLY A 355 -7.36 15.18 3.28
N THR A 356 -6.23 14.53 3.04
CA THR A 356 -6.00 13.16 3.44
C THR A 356 -4.57 13.02 3.93
N GLU A 357 -4.38 12.28 5.01
CA GLU A 357 -3.06 11.83 5.40
C GLU A 357 -3.07 10.31 5.46
N ALA A 358 -2.07 9.69 4.83
CA ALA A 358 -1.99 8.24 4.83
C ALA A 358 -0.52 7.85 4.81
N SER A 359 -0.19 6.83 5.60
CA SER A 359 1.17 6.32 5.68
C SER A 359 1.12 4.81 5.83
N ALA A 360 2.21 4.17 5.47
CA ALA A 360 2.32 2.72 5.61
C ALA A 360 3.78 2.34 5.65
N ALA A 361 4.04 1.16 6.19
CA ALA A 361 5.40 0.65 6.22
C ALA A 361 5.37 -0.86 6.17
N THR A 362 6.42 -1.44 5.58
CA THR A 362 6.54 -2.87 5.41
C THR A 362 7.90 -3.28 5.94
N ALA A 363 7.94 -4.38 6.71
CA ALA A 363 9.21 -4.90 7.20
C ALA A 363 9.36 -6.37 6.83
N VAL A 364 10.56 -6.73 6.39
CA VAL A 364 10.91 -8.10 6.09
C VAL A 364 11.98 -8.51 7.09
N LYS A 365 11.60 -9.39 8.02
CA LYS A 365 12.53 -9.89 9.02
C LYS A 365 13.22 -11.15 8.48
N ILE A 366 14.53 -11.21 8.69
CA ILE A 366 15.38 -12.25 8.13
C ILE A 366 16.27 -12.81 9.22
N THR A 367 16.39 -14.13 9.27
CA THR A 367 17.22 -14.81 10.27
C THR A 367 18.26 -15.68 9.57
N LEU A 368 19.07 -16.29 10.39
CA LEU A 368 20.02 -17.20 9.90
C LEU A 368 19.30 -18.46 9.45
N LEU A 369 19.96 -19.18 8.55
CA LEU A 369 19.45 -20.44 8.04
C LEU A 369 20.55 -21.50 8.20
N ARG B 7 -31.41 16.09 -9.58
CA ARG B 7 -30.08 16.30 -9.01
C ARG B 7 -29.50 14.98 -8.49
N THR B 8 -28.21 14.76 -8.72
CA THR B 8 -27.54 13.54 -8.32
C THR B 8 -26.95 13.71 -6.93
N ILE B 9 -27.17 12.71 -6.08
CA ILE B 9 -26.62 12.69 -4.73
C ILE B 9 -25.75 11.45 -4.59
N VAL B 10 -24.56 11.62 -4.04
CA VAL B 10 -23.64 10.52 -3.79
C VAL B 10 -23.37 10.51 -2.30
N ARG B 11 -23.80 9.44 -1.62
CA ARG B 11 -23.83 9.38 -0.17
C ARG B 11 -23.05 8.16 0.30
N PHE B 12 -21.84 8.39 0.82
CA PHE B 12 -21.00 7.30 1.31
C PHE B 12 -21.39 6.96 2.75
N ASN B 13 -22.59 6.39 2.88
CA ASN B 13 -23.12 6.01 4.20
C ASN B 13 -23.25 4.50 4.34
N ARG B 14 -22.38 3.77 3.62
CA ARG B 14 -22.31 2.32 3.68
C ARG B 14 -20.93 1.92 3.16
N PRO B 15 -20.53 0.67 3.34
CA PRO B 15 -19.14 0.29 2.98
C PRO B 15 -18.76 0.71 1.57
N PHE B 16 -17.53 1.20 1.43
CA PHE B 16 -17.04 1.71 0.15
C PHE B 16 -15.54 1.46 0.08
N LEU B 17 -15.00 1.63 -1.13
CA LEU B 17 -13.60 1.42 -1.41
C LEU B 17 -12.95 2.75 -1.76
N MET B 18 -11.67 2.88 -1.43
CA MET B 18 -10.88 4.03 -1.83
C MET B 18 -9.59 3.51 -2.46
N ILE B 19 -9.21 4.08 -3.60
CA ILE B 19 -7.98 3.74 -4.27
C ILE B 19 -7.29 5.06 -4.54
N ILE B 20 -6.22 5.34 -3.81
CA ILE B 20 -5.43 6.56 -3.98
C ILE B 20 -4.35 6.29 -5.02
N VAL B 21 -4.38 7.06 -6.10
CA VAL B 21 -3.57 6.79 -7.28
C VAL B 21 -2.71 8.00 -7.61
N ASP B 22 -1.54 7.73 -8.20
CA ASP B 22 -0.64 8.75 -8.73
C ASP B 22 -0.83 8.80 -10.24
N HIS B 23 -1.23 9.96 -10.76
CA HIS B 23 -1.41 10.08 -12.21
C HIS B 23 -0.09 10.05 -12.98
N PHE B 24 1.04 10.31 -12.29
CA PHE B 24 2.34 10.33 -12.95
C PHE B 24 2.86 8.91 -13.20
N THR B 25 2.92 8.08 -12.16
CA THR B 25 3.48 6.75 -12.25
C THR B 25 2.43 5.65 -12.37
N TRP B 26 1.15 5.98 -12.23
CA TRP B 26 0.08 5.00 -12.16
C TRP B 26 0.25 4.05 -10.98
N SER B 27 0.96 4.47 -9.93
CA SER B 27 1.06 3.69 -8.72
C SER B 27 -0.23 3.79 -7.94
N ILE B 28 -0.59 2.70 -7.28
CA ILE B 28 -1.63 2.73 -6.26
C ILE B 28 -0.92 2.95 -4.94
N PHE B 29 -1.03 4.16 -4.41
CA PHE B 29 -0.39 4.48 -3.14
C PHE B 29 -1.04 3.72 -2.00
N PHE B 30 -2.37 3.74 -1.96
CA PHE B 30 -3.13 3.14 -0.88
C PHE B 30 -4.41 2.57 -1.45
N MET B 31 -4.82 1.44 -0.88
CA MET B 31 -6.09 0.83 -1.21
C MET B 31 -6.81 0.54 0.09
N SER B 32 -8.11 0.83 0.12
CA SER B 32 -8.85 0.73 1.38
C SER B 32 -10.27 0.24 1.15
N LYS B 33 -10.78 -0.49 2.13
CA LYS B 33 -12.21 -0.73 2.25
C LYS B 33 -12.61 -0.19 3.60
N VAL B 34 -13.57 0.70 3.61
CA VAL B 34 -14.15 1.22 4.85
C VAL B 34 -15.44 0.45 5.08
N THR B 35 -15.36 -0.61 5.90
CA THR B 35 -16.58 -1.30 6.31
C THR B 35 -17.18 -0.67 7.55
N ASN B 36 -16.37 -0.04 8.38
CA ASN B 36 -16.84 0.62 9.59
C ASN B 36 -15.84 1.71 9.99
N PRO B 37 -16.17 2.98 9.78
CA PRO B 37 -15.23 4.06 10.14
C PRO B 37 -14.88 4.10 11.60
N LYS B 38 -15.67 3.47 12.48
CA LYS B 38 -15.42 3.45 13.92
C LYS B 38 -15.07 2.06 14.42
N GLN B 39 -14.48 1.23 13.56
CA GLN B 39 -14.23 -0.16 13.91
C GLN B 39 -13.08 -0.27 14.89
N ALA B 40 -13.17 -1.26 15.78
CA ALA B 40 -12.11 -1.53 16.74
C ALA B 40 -10.94 -2.24 16.05
#